data_4O56
#
_entry.id   4O56
#
_cell.length_a   35.114
_cell.length_b   69.248
_cell.length_c   56.513
_cell.angle_alpha   90.00
_cell.angle_beta   98.63
_cell.angle_gamma   90.00
#
_symmetry.space_group_name_H-M   'P 1 21 1'
#
loop_
_entity.id
_entity.type
_entity.pdbx_description
1 polymer 'Serine/threonine-protein kinase PLK1'
2 polymer 'synthetic peptide'
3 non-polymer 'PHOSPHATE ION'
4 water water
#
loop_
_entity_poly.entity_id
_entity_poly.type
_entity_poly.pdbx_seq_one_letter_code
_entity_poly.pdbx_strand_id
1 'polypeptide(L)'
;LGSPGIQGEVVDCHLSDMLQQLHSVNASKPSERGLVRQEEAEDPACIPIFWVSKWVDYSDKYGLGYQLCDNSVGVLFNDS
TRLILYNDGDSLQYIERDGTESYLTVSSHPNSLMKKITLLKYFRNYMSEHLLKAGANITPREGDELARLPYLRTWFRTRS
AIILHLSNGSVQINFFQDHTKLILCPLMAAVTYIDEKRDFRTYRLSLLEEYGCCKELASRLRYARTMVDKLLSSRSASNR
LKAS
;
A
2 'polypeptide(L)' GPMTS(TPO)PK B
#
loop_
_chem_comp.id
_chem_comp.type
_chem_comp.name
_chem_comp.formula
PO4 non-polymer 'PHOSPHATE ION' 'O4 P -3'
#
# COMPACT_ATOMS: atom_id res chain seq x y z
N LEU A 1 4.15 -25.01 -12.28
CA LEU A 1 2.79 -24.77 -11.67
C LEU A 1 2.60 -23.38 -11.10
N GLY A 2 3.67 -22.73 -10.63
CA GLY A 2 3.54 -21.45 -9.96
C GLY A 2 2.83 -20.43 -10.85
N SER A 3 1.93 -19.63 -10.28
CA SER A 3 1.38 -18.46 -10.97
C SER A 3 2.47 -17.38 -11.25
N PRO A 4 2.41 -16.70 -12.40
CA PRO A 4 3.34 -15.57 -12.58
C PRO A 4 3.01 -14.34 -11.79
N GLY A 5 1.85 -14.30 -11.16
CA GLY A 5 1.47 -13.08 -10.45
C GLY A 5 0.71 -12.14 -11.42
N ILE A 6 -0.18 -11.34 -10.86
CA ILE A 6 -0.76 -10.21 -11.63
C ILE A 6 0.35 -9.27 -12.17
N GLN A 7 0.28 -8.96 -13.45
CA GLN A 7 1.32 -8.18 -14.12
C GLN A 7 1.00 -6.69 -13.96
N GLY A 8 2.05 -5.88 -13.98
CA GLY A 8 1.90 -4.46 -13.77
C GLY A 8 0.97 -3.72 -14.74
N GLU A 9 0.95 -4.10 -16.00
CA GLU A 9 0.03 -3.53 -16.98
C GLU A 9 -1.42 -3.81 -16.58
N VAL A 10 -1.66 -5.03 -16.05
CA VAL A 10 -3.02 -5.39 -15.59
C VAL A 10 -3.35 -4.57 -14.35
N VAL A 11 -2.40 -4.44 -13.42
CA VAL A 11 -2.62 -3.53 -12.30
C VAL A 11 -3.02 -2.11 -12.77
N ASP A 12 -2.35 -1.58 -13.79
CA ASP A 12 -2.62 -0.23 -14.27
C ASP A 12 -4.02 -0.11 -14.82
N CYS A 13 -4.53 -1.16 -15.45
CA CYS A 13 -5.93 -1.13 -15.92
C CYS A 13 -6.88 -0.96 -14.76
N HIS A 14 -6.70 -1.78 -13.74
CA HIS A 14 -7.55 -1.69 -12.52
C HIS A 14 -7.39 -0.33 -11.80
N LEU A 15 -6.18 0.18 -11.75
CA LEU A 15 -5.98 1.56 -11.25
C LEU A 15 -6.76 2.63 -11.98
N SER A 16 -6.72 2.63 -13.30
CA SER A 16 -7.50 3.55 -14.04
C SER A 16 -8.98 3.37 -13.69
N ASP A 17 -9.42 2.11 -13.55
CA ASP A 17 -10.82 1.89 -13.23
C ASP A 17 -11.17 2.46 -11.82
N MET A 18 -10.25 2.31 -10.88
CA MET A 18 -10.40 2.88 -9.53
C MET A 18 -10.37 4.39 -9.51
N LEU A 19 -9.49 4.98 -10.31
CA LEU A 19 -9.57 6.42 -10.54
C LEU A 19 -11.00 6.85 -10.92
N GLN A 20 -11.58 6.16 -11.89
CA GLN A 20 -12.90 6.51 -12.38
C GLN A 20 -13.93 6.30 -11.28
N GLN A 21 -13.76 5.27 -10.49
CA GLN A 21 -14.76 4.96 -9.49
C GLN A 21 -14.65 5.94 -8.33
N LEU A 22 -13.44 6.36 -8.01
CA LEU A 22 -13.25 7.45 -7.02
C LEU A 22 -13.89 8.71 -7.51
N HIS A 23 -13.69 9.05 -8.79
CA HIS A 23 -14.38 10.23 -9.32
C HIS A 23 -15.89 10.11 -9.06
N SER A 24 -16.48 8.97 -9.42
CA SER A 24 -17.93 8.74 -9.28
C SER A 24 -18.39 8.85 -7.81
N VAL A 25 -17.68 8.19 -6.91
CA VAL A 25 -18.01 8.28 -5.49
C VAL A 25 -17.97 9.76 -5.06
N ASN A 26 -16.86 10.41 -5.35
CA ASN A 26 -16.67 11.77 -4.91
C ASN A 26 -17.70 12.72 -5.49
N ALA A 27 -18.04 12.58 -6.76
CA ALA A 27 -19.01 13.47 -7.38
C ALA A 27 -20.42 13.24 -6.82
N SER A 28 -20.66 12.07 -6.27
CA SER A 28 -21.95 11.74 -5.63
C SER A 28 -22.14 12.42 -4.26
N LYS A 29 -21.10 13.15 -3.80
CA LYS A 29 -21.08 13.88 -2.51
C LYS A 29 -21.60 13.00 -1.33
N PRO A 30 -20.86 11.94 -1.02
CA PRO A 30 -21.37 10.96 -0.08
C PRO A 30 -21.63 11.46 1.34
N SER A 31 -21.01 12.55 1.77
CA SER A 31 -21.33 13.03 3.12
C SER A 31 -22.58 13.91 3.16
N GLU A 32 -23.21 14.15 2.00
CA GLU A 32 -24.39 15.01 1.94
C GLU A 32 -25.68 14.22 1.87
N ARG A 33 -25.67 12.91 2.11
CA ARG A 33 -26.92 12.16 1.94
C ARG A 33 -27.95 12.46 2.99
N GLY A 34 -29.21 12.18 2.65
CA GLY A 34 -30.29 12.51 3.57
C GLY A 34 -30.02 11.77 4.85
N LEU A 35 -29.70 10.50 4.69
CA LEU A 35 -29.28 9.69 5.79
C LEU A 35 -28.09 8.86 5.35
N VAL A 36 -26.93 9.24 5.85
CA VAL A 36 -25.71 8.49 5.60
C VAL A 36 -25.79 7.19 6.38
N ARG A 37 -25.52 6.08 5.67
CA ARG A 37 -25.58 4.74 6.26
C ARG A 37 -24.28 4.00 5.89
N GLN A 38 -23.18 4.54 6.38
CA GLN A 38 -21.79 4.10 6.06
C GLN A 38 -21.63 2.63 6.42
N GLU A 39 -22.28 2.21 7.50
CA GLU A 39 -22.14 0.82 7.96
C GLU A 39 -22.67 -0.20 6.93
N GLU A 40 -23.68 0.22 6.17
CA GLU A 40 -24.28 -0.61 5.15
C GLU A 40 -23.32 -0.80 3.96
N ALA A 41 -22.29 0.04 3.85
CA ALA A 41 -21.31 -0.13 2.76
C ALA A 41 -20.18 -1.10 3.13
N GLU A 42 -20.20 -1.62 4.36
CA GLU A 42 -19.12 -2.49 4.81
C GLU A 42 -19.18 -3.81 4.05
N ASP A 43 -18.01 -4.32 3.73
CA ASP A 43 -17.91 -5.61 2.98
C ASP A 43 -16.73 -6.42 3.57
N PRO A 44 -16.97 -7.11 4.71
CA PRO A 44 -15.93 -7.81 5.46
C PRO A 44 -15.22 -8.91 4.65
N ALA A 45 -15.91 -9.51 3.69
CA ALA A 45 -15.24 -10.54 2.84
C ALA A 45 -14.10 -9.97 2.01
N CYS A 46 -14.04 -8.64 1.82
CA CYS A 46 -13.01 -8.00 0.97
C CYS A 46 -11.87 -7.35 1.81
N ILE A 47 -11.80 -7.69 3.10
CA ILE A 47 -10.74 -7.18 3.93
C ILE A 47 -9.40 -7.48 3.23
N PRO A 48 -8.46 -6.52 3.23
CA PRO A 48 -7.16 -6.81 2.61
C PRO A 48 -6.36 -7.78 3.48
N ILE A 49 -5.58 -8.64 2.86
CA ILE A 49 -4.73 -9.53 3.63
C ILE A 49 -3.41 -8.83 3.95
N PHE A 50 -2.95 -7.98 3.03
CA PHE A 50 -1.68 -7.26 3.12
C PHE A 50 -1.83 -5.78 3.18
N TRP A 51 -1.04 -5.15 4.04
CA TRP A 51 -0.80 -3.73 4.04
C TRP A 51 0.58 -3.48 4.66
N VAL A 52 1.08 -2.27 4.46
CA VAL A 52 2.36 -1.85 4.97
C VAL A 52 2.13 -1.39 6.41
N SER A 53 2.78 -2.06 7.31
CA SER A 53 2.54 -1.86 8.71
C SER A 53 3.65 -0.96 9.35
N LYS A 54 4.78 -0.85 8.64
CA LYS A 54 5.90 0.00 9.05
C LYS A 54 6.65 0.44 7.85
N TRP A 55 7.28 1.61 7.89
CA TRP A 55 8.16 2.09 6.79
C TRP A 55 9.22 3.08 7.26
N VAL A 56 10.29 3.10 6.49
CA VAL A 56 11.47 3.93 6.75
C VAL A 56 11.95 4.54 5.47
N ASP A 57 11.97 5.87 5.40
CA ASP A 57 12.36 6.60 4.20
C ASP A 57 13.82 6.87 4.30
N TYR A 58 14.63 5.90 3.90
CA TYR A 58 16.09 6.16 3.77
C TYR A 58 16.46 6.37 2.28
N SER A 59 15.61 7.07 1.55
CA SER A 59 15.82 7.20 0.09
C SER A 59 16.99 8.12 -0.26
N ASP A 60 17.47 8.91 0.70
CA ASP A 60 18.70 9.62 0.47
C ASP A 60 19.86 8.71 0.22
N LYS A 61 19.89 7.56 0.82
CA LYS A 61 21.04 6.63 0.62
C LYS A 61 20.75 5.35 -0.10
N TYR A 62 19.63 4.70 0.23
CA TYR A 62 19.37 3.35 -0.24
C TYR A 62 18.02 3.11 -0.85
N GLY A 63 16.97 3.64 -0.23
CA GLY A 63 15.60 3.36 -0.61
C GLY A 63 14.60 3.45 0.56
N LEU A 64 13.44 2.87 0.30
CA LEU A 64 12.26 2.89 1.16
C LEU A 64 12.12 1.45 1.72
N GLY A 65 12.42 1.27 3.01
CA GLY A 65 12.29 0.01 3.66
C GLY A 65 10.90 -0.09 4.33
N TYR A 66 10.29 -1.28 4.35
CA TYR A 66 8.95 -1.42 4.91
C TYR A 66 8.71 -2.82 5.48
N GLN A 67 7.73 -2.92 6.37
CA GLN A 67 7.26 -4.17 6.89
C GLN A 67 5.84 -4.33 6.36
N LEU A 68 5.49 -5.55 5.96
CA LEU A 68 4.08 -5.88 5.74
C LEU A 68 3.45 -6.46 6.99
N CYS A 69 2.13 -6.58 6.98
CA CYS A 69 1.44 -6.89 8.22
C CYS A 69 1.62 -8.35 8.63
N ASP A 70 2.18 -9.21 7.76
CA ASP A 70 2.54 -10.59 8.13
C ASP A 70 3.97 -10.67 8.73
N ASN A 71 4.55 -9.51 8.99
CA ASN A 71 5.91 -9.35 9.52
C ASN A 71 7.03 -9.62 8.53
N SER A 72 6.74 -9.91 7.29
CA SER A 72 7.76 -9.87 6.26
C SER A 72 8.26 -8.44 6.06
N VAL A 73 9.42 -8.31 5.47
CA VAL A 73 10.00 -7.01 5.21
C VAL A 73 10.42 -6.90 3.77
N GLY A 74 10.53 -5.68 3.32
CA GLY A 74 11.04 -5.43 1.97
C GLY A 74 11.71 -4.07 1.87
N VAL A 75 12.35 -3.83 0.72
CA VAL A 75 12.94 -2.53 0.38
C VAL A 75 12.69 -2.28 -1.08
N LEU A 76 12.26 -1.07 -1.42
CA LEU A 76 12.31 -0.64 -2.79
C LEU A 76 13.56 0.24 -2.85
N PHE A 77 14.61 -0.28 -3.45
CA PHE A 77 15.87 0.44 -3.57
C PHE A 77 15.80 1.57 -4.56
N ASN A 78 16.74 2.49 -4.43
CA ASN A 78 16.75 3.67 -5.33
C ASN A 78 16.97 3.37 -6.83
N ASP A 79 17.44 2.16 -7.13
CA ASP A 79 17.57 1.70 -8.54
C ASP A 79 16.34 0.96 -9.10
N SER A 80 15.24 1.10 -8.38
CA SER A 80 13.90 0.54 -8.71
C SER A 80 13.90 -0.96 -8.67
N THR A 81 14.79 -1.55 -7.93
CA THR A 81 14.75 -2.98 -7.63
C THR A 81 14.22 -3.21 -6.21
N ARG A 82 13.67 -4.39 -5.96
CA ARG A 82 13.12 -4.73 -4.68
C ARG A 82 13.68 -6.03 -4.18
N LEU A 83 13.87 -6.10 -2.85
CA LEU A 83 14.27 -7.31 -2.18
C LEU A 83 13.28 -7.51 -1.05
N ILE A 84 12.69 -8.71 -0.98
CA ILE A 84 11.77 -8.98 0.09
C ILE A 84 12.21 -10.24 0.87
N LEU A 85 12.09 -10.15 2.18
CA LEU A 85 12.41 -11.23 3.12
C LEU A 85 11.14 -11.72 3.79
N TYR A 86 10.80 -12.98 3.54
CA TYR A 86 9.60 -13.59 4.05
C TYR A 86 9.71 -13.74 5.56
N ASN A 87 8.58 -14.02 6.19
CA ASN A 87 8.50 -14.06 7.65
C ASN A 87 9.07 -15.34 8.26
N ASP A 88 9.72 -16.19 7.44
CA ASP A 88 10.47 -17.36 7.93
C ASP A 88 11.92 -17.02 8.26
N GLY A 89 12.28 -15.77 8.11
CA GLY A 89 13.63 -15.34 8.39
C GLY A 89 14.72 -15.62 7.37
N ASP A 90 14.37 -16.39 6.32
CA ASP A 90 15.40 -16.85 5.38
C ASP A 90 15.02 -16.79 3.93
N SER A 91 13.78 -16.95 3.58
CA SER A 91 13.39 -16.93 2.18
C SER A 91 13.40 -15.51 1.58
N LEU A 92 13.97 -15.36 0.40
CA LEU A 92 14.04 -14.05 -0.24
C LEU A 92 13.41 -14.07 -1.59
N GLN A 93 12.97 -12.94 -2.05
CA GLN A 93 12.62 -12.79 -3.45
C GLN A 93 13.25 -11.49 -3.94
N TYR A 94 13.90 -11.51 -5.10
CA TYR A 94 14.50 -10.33 -5.69
C TYR A 94 13.67 -9.97 -6.95
N ILE A 95 13.29 -8.71 -7.07
CA ILE A 95 12.56 -8.22 -8.20
C ILE A 95 13.34 -7.09 -8.92
N GLU A 96 13.67 -7.34 -10.16
CA GLU A 96 14.43 -6.39 -10.95
C GLU A 96 13.54 -5.20 -11.36
N ARG A 97 14.13 -4.15 -11.88
CA ARG A 97 13.33 -2.95 -12.34
C ARG A 97 12.19 -3.34 -13.34
N ASP A 98 12.46 -4.30 -14.21
CA ASP A 98 11.48 -4.79 -15.23
C ASP A 98 10.51 -5.86 -14.67
N GLY A 99 10.58 -6.12 -13.37
CA GLY A 99 9.65 -7.01 -12.73
C GLY A 99 10.10 -8.48 -12.67
N THR A 100 11.28 -8.80 -13.24
CA THR A 100 11.76 -10.16 -13.25
C THR A 100 12.01 -10.59 -11.82
N GLU A 101 11.43 -11.74 -11.44
CA GLU A 101 11.48 -12.26 -10.07
C GLU A 101 12.34 -13.45 -9.97
N SER A 102 13.12 -13.48 -8.88
CA SER A 102 13.99 -14.61 -8.56
C SER A 102 13.86 -14.95 -7.07
N TYR A 103 13.93 -16.23 -6.77
CA TYR A 103 13.83 -16.73 -5.43
C TYR A 103 15.16 -17.24 -4.91
N LEU A 104 15.44 -16.87 -3.71
CA LEU A 104 16.67 -17.23 -3.06
C LEU A 104 16.46 -17.25 -1.61
N THR A 105 17.56 -17.40 -0.92
CA THR A 105 17.60 -17.55 0.48
C THR A 105 18.77 -16.77 1.13
N VAL A 106 18.61 -16.38 2.37
CA VAL A 106 19.66 -15.68 3.02
C VAL A 106 20.91 -16.60 3.13
N SER A 107 20.72 -17.87 3.41
CA SER A 107 21.76 -18.90 3.52
C SER A 107 22.43 -19.29 2.21
N SER A 108 21.68 -19.19 1.13
CA SER A 108 22.09 -19.58 -0.23
C SER A 108 21.58 -18.56 -1.29
N HIS A 109 22.47 -17.76 -1.75
CA HIS A 109 22.07 -16.65 -2.63
C HIS A 109 23.25 -16.24 -3.45
N PRO A 110 22.99 -15.61 -4.59
CA PRO A 110 24.15 -15.13 -5.33
C PRO A 110 24.94 -14.09 -4.50
N ASN A 111 26.24 -14.10 -4.66
CA ASN A 111 27.05 -13.10 -3.96
C ASN A 111 26.73 -11.67 -4.38
N SER A 112 26.20 -11.50 -5.56
CA SER A 112 25.84 -10.20 -6.06
C SER A 112 24.80 -9.48 -5.20
N LEU A 113 24.05 -10.22 -4.38
CA LEU A 113 22.95 -9.66 -3.55
C LEU A 113 23.37 -9.44 -2.12
N MET A 114 24.61 -9.80 -1.75
CA MET A 114 25.07 -9.60 -0.37
C MET A 114 24.84 -8.16 0.14
N LYS A 115 25.19 -7.13 -0.63
CA LYS A 115 25.00 -5.78 -0.16
C LYS A 115 23.53 -5.46 0.19
N LYS A 116 22.65 -5.78 -0.75
CA LYS A 116 21.21 -5.50 -0.63
C LYS A 116 20.56 -6.34 0.47
N ILE A 117 21.05 -7.57 0.65
CA ILE A 117 20.61 -8.40 1.79
C ILE A 117 20.94 -7.74 3.11
N THR A 118 22.18 -7.31 3.29
CA THR A 118 22.65 -6.66 4.49
C THR A 118 21.86 -5.38 4.74
N LEU A 119 21.60 -4.62 3.67
CA LEU A 119 20.77 -3.41 3.85
C LEU A 119 19.36 -3.76 4.32
N LEU A 120 18.76 -4.78 3.73
CA LEU A 120 17.43 -5.21 4.12
C LEU A 120 17.37 -5.58 5.60
N LYS A 121 18.39 -6.33 6.04
CA LYS A 121 18.54 -6.67 7.45
C LYS A 121 18.62 -5.43 8.34
N TYR A 122 19.35 -4.41 7.91
CA TYR A 122 19.42 -3.20 8.70
C TYR A 122 18.04 -2.52 8.80
N PHE A 123 17.31 -2.47 7.70
CA PHE A 123 15.98 -1.88 7.71
C PHE A 123 15.07 -2.67 8.67
N ARG A 124 15.08 -3.98 8.53
CA ARG A 124 14.32 -4.83 9.41
C ARG A 124 14.59 -4.58 10.88
N ASN A 125 15.86 -4.53 11.24
CA ASN A 125 16.22 -4.37 12.62
C ASN A 125 15.74 -3.05 13.18
N TYR A 126 15.93 -2.00 12.39
CA TYR A 126 15.46 -0.66 12.74
C TYR A 126 13.96 -0.63 12.98
N MET A 127 13.21 -1.17 12.07
CA MET A 127 11.74 -1.15 12.20
C MET A 127 11.29 -1.91 13.43
N SER A 128 11.93 -3.04 13.66
CA SER A 128 11.53 -3.84 14.77
C SER A 128 11.82 -3.16 16.12
N GLU A 129 12.92 -2.43 16.22
CA GLU A 129 13.37 -1.80 17.47
C GLU A 129 12.50 -0.54 17.71
N HIS A 130 12.21 0.20 16.65
CA HIS A 130 11.68 1.58 16.81
C HIS A 130 10.23 1.88 16.52
N LEU A 131 9.58 1.09 15.66
CA LEU A 131 8.33 1.53 15.04
C LEU A 131 7.16 0.66 15.47
N LEU A 132 6.00 1.29 15.56
CA LEU A 132 4.75 0.65 15.94
C LEU A 132 4.14 -0.05 14.72
N LYS A 133 3.53 -1.20 14.92
CA LYS A 133 2.95 -1.93 13.82
C LYS A 133 1.52 -1.49 13.49
N ALA A 134 1.28 -0.90 12.31
CA ALA A 134 -0.09 -0.51 11.93
C ALA A 134 -0.93 -1.76 11.71
N GLY A 135 -2.18 -1.72 12.16
CA GLY A 135 -3.11 -2.90 12.05
C GLY A 135 -2.67 -4.05 12.90
N ALA A 136 -1.97 -3.78 14.01
CA ALA A 136 -1.51 -4.83 14.87
C ALA A 136 -2.74 -5.52 15.50
N ASN A 137 -3.89 -4.86 15.53
CA ASN A 137 -5.14 -5.39 16.09
C ASN A 137 -5.85 -6.40 15.22
N ILE A 138 -5.45 -6.58 13.96
CA ILE A 138 -6.13 -7.50 13.07
C ILE A 138 -5.54 -8.93 13.16
N THR A 139 -6.37 -9.90 13.53
CA THR A 139 -5.92 -11.29 13.57
C THR A 139 -6.11 -11.91 12.16
N PRO A 140 -5.06 -12.57 11.66
CA PRO A 140 -5.10 -13.13 10.29
C PRO A 140 -6.14 -14.20 10.18
N ARG A 141 -6.71 -14.36 9.02
CA ARG A 141 -7.54 -15.48 8.76
C ARG A 141 -6.72 -16.69 8.30
N GLU A 142 -7.24 -17.85 8.62
CA GLU A 142 -6.66 -19.11 8.22
C GLU A 142 -6.48 -19.02 6.73
N GLY A 143 -5.29 -19.42 6.29
CA GLY A 143 -4.94 -19.41 4.90
C GLY A 143 -4.53 -18.09 4.25
N ASP A 144 -4.52 -17.01 5.03
CA ASP A 144 -4.09 -15.78 4.46
C ASP A 144 -2.65 -15.87 3.91
N GLU A 145 -1.83 -16.74 4.46
CA GLU A 145 -0.47 -16.96 4.00
C GLU A 145 -0.37 -17.56 2.59
N LEU A 146 -1.49 -18.04 2.06
CA LEU A 146 -1.51 -18.61 0.72
C LEU A 146 -1.65 -17.54 -0.40
N ALA A 147 -2.03 -16.33 -0.05
CA ALA A 147 -2.09 -15.19 -0.98
C ALA A 147 -0.67 -14.76 -1.36
N ARG A 148 -0.49 -14.39 -2.65
CA ARG A 148 0.79 -13.96 -3.08
C ARG A 148 1.31 -12.74 -2.32
N LEU A 149 2.48 -12.89 -1.72
CA LEU A 149 3.16 -11.80 -1.01
C LEU A 149 3.55 -10.73 -2.06
N PRO A 150 3.04 -9.52 -1.93
CA PRO A 150 3.41 -8.45 -2.88
C PRO A 150 4.72 -7.74 -2.47
N TYR A 151 5.25 -6.95 -3.40
CA TYR A 151 6.34 -6.05 -3.19
C TYR A 151 5.88 -4.63 -3.48
N LEU A 152 6.69 -3.69 -3.04
CA LEU A 152 6.37 -2.28 -3.21
C LEU A 152 6.76 -1.91 -4.65
N ARG A 153 5.77 -1.58 -5.46
CA ARG A 153 5.98 -1.21 -6.81
C ARG A 153 6.49 0.22 -7.00
N THR A 154 5.85 1.15 -6.29
CA THR A 154 6.22 2.54 -6.33
C THR A 154 5.70 3.22 -5.07
N TRP A 155 6.32 4.35 -4.79
CA TRP A 155 5.88 5.14 -3.62
C TRP A 155 6.25 6.58 -3.87
N PHE A 156 5.57 7.47 -3.16
CA PHE A 156 5.99 8.86 -3.15
C PHE A 156 5.42 9.47 -1.90
N ARG A 157 5.85 10.69 -1.62
CA ARG A 157 5.37 11.38 -0.39
C ARG A 157 4.97 12.78 -0.76
N THR A 158 3.98 13.30 -0.06
CA THR A 158 3.53 14.70 -0.15
C THR A 158 3.83 15.33 1.25
N ARG A 159 3.39 16.55 1.50
CA ARG A 159 3.55 17.19 2.77
C ARG A 159 2.72 16.56 3.86
N SER A 160 1.64 15.90 3.47
CA SER A 160 0.63 15.38 4.44
C SER A 160 0.50 13.86 4.51
N ALA A 161 1.10 13.17 3.58
CA ALA A 161 0.90 11.72 3.42
C ALA A 161 2.05 11.03 2.70
N ILE A 162 2.13 9.73 2.93
CA ILE A 162 2.97 8.86 2.10
C ILE A 162 2.02 7.89 1.37
N ILE A 163 2.37 7.68 0.10
CA ILE A 163 1.56 6.86 -0.82
C ILE A 163 2.38 5.65 -1.20
N LEU A 164 1.85 4.47 -0.94
CA LEU A 164 2.54 3.19 -1.12
C LEU A 164 1.75 2.29 -2.05
N HIS A 165 2.33 1.96 -3.20
CA HIS A 165 1.61 1.15 -4.17
C HIS A 165 2.27 -0.21 -4.26
N LEU A 166 1.51 -1.20 -3.85
CA LEU A 166 1.95 -2.61 -3.90
C LEU A 166 1.64 -3.31 -5.21
N SER A 167 2.43 -4.34 -5.50
CA SER A 167 2.36 -5.07 -6.77
C SER A 167 1.06 -5.88 -6.94
N ASN A 168 0.28 -6.05 -5.86
CA ASN A 168 -1.01 -6.68 -5.97
C ASN A 168 -2.09 -5.68 -6.39
N GLY A 169 -1.70 -4.42 -6.62
CA GLY A 169 -2.66 -3.39 -7.02
C GLY A 169 -3.03 -2.39 -5.98
N SER A 170 -2.85 -2.74 -4.70
CA SER A 170 -3.30 -1.90 -3.60
C SER A 170 -2.56 -0.59 -3.58
N VAL A 171 -3.26 0.46 -3.15
CA VAL A 171 -2.69 1.76 -2.97
C VAL A 171 -3.00 2.11 -1.55
N GLN A 172 -1.95 2.28 -0.77
CA GLN A 172 -2.10 2.65 0.66
C GLN A 172 -1.66 4.11 0.84
N ILE A 173 -2.48 4.88 1.56
CA ILE A 173 -2.17 6.27 1.85
C ILE A 173 -2.18 6.45 3.36
N ASN A 174 -1.04 6.86 3.92
CA ASN A 174 -0.94 7.09 5.35
C ASN A 174 -0.83 8.58 5.59
N PHE A 175 -1.74 9.11 6.40
CA PHE A 175 -1.75 10.54 6.75
C PHE A 175 -0.91 10.78 7.99
N PHE A 176 0.05 11.67 7.86
CA PHE A 176 1.10 11.79 8.87
C PHE A 176 0.59 12.27 10.21
N GLN A 177 -0.13 13.36 10.15
CA GLN A 177 -0.52 14.05 11.35
C GLN A 177 -1.53 13.35 12.26
N ASP A 178 -2.55 12.79 11.67
CA ASP A 178 -3.60 12.21 12.48
C ASP A 178 -3.56 10.68 12.52
N HIS A 179 -2.64 10.07 11.78
CA HIS A 179 -2.42 8.60 11.76
C HIS A 179 -3.50 7.79 11.09
N THR A 180 -4.39 8.46 10.36
CA THR A 180 -5.47 7.83 9.63
C THR A 180 -4.87 7.28 8.35
N LYS A 181 -5.42 6.16 7.87
CA LYS A 181 -4.86 5.47 6.71
C LYS A 181 -5.98 4.91 5.82
N LEU A 182 -5.72 4.89 4.54
CA LEU A 182 -6.59 4.27 3.57
C LEU A 182 -5.84 3.12 2.87
N ILE A 183 -6.51 2.00 2.61
CA ILE A 183 -5.96 0.94 1.74
C ILE A 183 -6.97 0.71 0.64
N LEU A 184 -6.65 1.18 -0.56
CA LEU A 184 -7.52 1.05 -1.70
C LEU A 184 -7.16 -0.19 -2.46
N CYS A 185 -8.15 -1.05 -2.74
CA CYS A 185 -7.96 -2.23 -3.57
C CYS A 185 -8.72 -2.14 -4.87
N PRO A 186 -8.00 -1.99 -5.97
CA PRO A 186 -8.65 -1.86 -7.24
C PRO A 186 -9.17 -3.14 -7.83
N LEU A 187 -8.75 -4.27 -7.28
CA LEU A 187 -9.24 -5.57 -7.72
C LEU A 187 -10.63 -5.86 -7.12
N MET A 188 -10.77 -5.58 -5.84
CA MET A 188 -12.06 -5.71 -5.09
C MET A 188 -12.95 -4.45 -5.21
N ALA A 189 -12.41 -3.33 -5.73
CA ALA A 189 -13.13 -2.05 -5.81
C ALA A 189 -13.61 -1.72 -4.40
N ALA A 190 -12.69 -1.90 -3.48
CA ALA A 190 -12.90 -1.61 -2.10
C ALA A 190 -11.91 -0.65 -1.44
N VAL A 191 -12.28 -0.14 -0.28
CA VAL A 191 -11.39 0.73 0.46
C VAL A 191 -11.48 0.42 1.95
N THR A 192 -10.33 0.30 2.60
CA THR A 192 -10.29 0.13 4.04
C THR A 192 -9.82 1.41 4.66
N TYR A 193 -10.54 1.86 5.67
CA TYR A 193 -10.23 3.08 6.38
C TYR A 193 -9.80 2.68 7.82
N ILE A 194 -8.62 3.20 8.24
CA ILE A 194 -8.10 2.98 9.59
C ILE A 194 -8.20 4.36 10.23
N ASP A 195 -9.09 4.52 11.20
CA ASP A 195 -9.34 5.87 11.75
C ASP A 195 -8.40 6.14 12.89
N GLU A 196 -8.56 7.32 13.50
CA GLU A 196 -7.63 7.82 14.52
C GLU A 196 -7.69 6.99 15.80
N LYS A 197 -8.75 6.22 15.98
CA LYS A 197 -8.87 5.28 17.06
C LYS A 197 -8.42 3.87 16.70
N ARG A 198 -7.81 3.70 15.54
CA ARG A 198 -7.33 2.46 15.03
C ARG A 198 -8.41 1.44 14.70
N ASP A 199 -9.61 1.89 14.54
CA ASP A 199 -10.65 1.01 14.04
C ASP A 199 -10.45 0.84 12.53
N PHE A 200 -10.57 -0.40 12.08
CA PHE A 200 -10.25 -0.84 10.76
C PHE A 200 -11.59 -1.28 10.12
N ARG A 201 -11.99 -0.68 9.01
CA ARG A 201 -13.26 -1.03 8.37
C ARG A 201 -13.12 -1.03 6.86
N THR A 202 -13.69 -2.06 6.22
CA THR A 202 -13.53 -2.24 4.78
C THR A 202 -14.91 -2.10 4.10
N TYR A 203 -14.92 -1.24 3.07
CA TYR A 203 -16.10 -0.81 2.38
C TYR A 203 -15.97 -1.10 0.91
N ARG A 204 -17.12 -1.37 0.29
CA ARG A 204 -17.22 -1.45 -1.15
C ARG A 204 -17.44 -0.05 -1.66
N LEU A 205 -16.62 0.40 -2.60
CA LEU A 205 -16.71 1.76 -3.11
C LEU A 205 -18.09 2.07 -3.66
N SER A 206 -18.66 1.19 -4.47
CA SER A 206 -20.00 1.44 -5.03
C SER A 206 -21.07 1.58 -3.94
N LEU A 207 -20.87 0.90 -2.82
CA LEU A 207 -21.79 1.06 -1.68
C LEU A 207 -21.60 2.36 -0.88
N LEU A 208 -20.37 2.88 -0.82
CA LEU A 208 -20.18 4.21 -0.32
C LEU A 208 -20.88 5.22 -1.17
N GLU A 209 -20.90 5.02 -2.48
CA GLU A 209 -21.68 5.92 -3.32
C GLU A 209 -23.16 5.76 -3.04
N GLU A 210 -23.63 4.52 -2.85
CA GLU A 210 -25.06 4.34 -2.61
C GLU A 210 -25.49 4.94 -1.26
N TYR A 211 -24.76 4.58 -0.23
CA TYR A 211 -25.22 4.79 1.13
C TYR A 211 -24.63 6.04 1.80
N GLY A 212 -23.52 6.55 1.27
CA GLY A 212 -22.87 7.70 1.85
C GLY A 212 -21.79 7.33 2.89
N CYS A 213 -21.16 8.36 3.42
CA CYS A 213 -20.16 8.22 4.47
C CYS A 213 -19.92 9.56 5.17
N CYS A 214 -19.23 9.50 6.29
CA CYS A 214 -18.96 10.71 7.06
C CYS A 214 -18.06 11.62 6.29
N LYS A 215 -18.04 12.86 6.73
CA LYS A 215 -17.23 13.83 6.05
C LYS A 215 -15.71 13.58 6.12
N GLU A 216 -15.20 12.94 7.16
CA GLU A 216 -13.76 12.69 7.33
C GLU A 216 -13.34 11.70 6.24
N LEU A 217 -14.11 10.60 6.12
CA LEU A 217 -13.82 9.65 5.06
C LEU A 217 -14.00 10.24 3.68
N ALA A 218 -15.06 11.02 3.51
CA ALA A 218 -15.31 11.68 2.22
C ALA A 218 -14.10 12.55 1.83
N SER A 219 -13.56 13.27 2.81
CA SER A 219 -12.42 14.15 2.59
C SER A 219 -11.18 13.40 2.17
N ARG A 220 -10.90 12.32 2.89
CA ARG A 220 -9.77 11.46 2.57
C ARG A 220 -9.89 10.84 1.18
N LEU A 221 -11.10 10.45 0.77
CA LEU A 221 -11.33 9.94 -0.59
C LEU A 221 -11.15 10.96 -1.68
N ARG A 222 -11.51 12.22 -1.44
CA ARG A 222 -11.16 13.32 -2.40
C ARG A 222 -9.66 13.39 -2.59
N TYR A 223 -8.91 13.34 -1.49
CA TYR A 223 -7.44 13.38 -1.60
C TYR A 223 -6.89 12.12 -2.33
N ALA A 224 -7.45 10.97 -1.97
CA ALA A 224 -7.09 9.71 -2.61
C ALA A 224 -7.19 9.79 -4.13
N ARG A 225 -8.26 10.38 -4.66
CA ARG A 225 -8.42 10.46 -6.09
C ARG A 225 -7.20 11.19 -6.67
N THR A 226 -6.79 12.30 -6.03
CA THR A 226 -5.65 13.09 -6.48
C THR A 226 -4.35 12.29 -6.49
N MET A 227 -4.18 11.50 -5.44
CA MET A 227 -3.02 10.60 -5.30
C MET A 227 -3.01 9.51 -6.39
N VAL A 228 -4.16 8.91 -6.72
CA VAL A 228 -4.21 7.95 -7.79
C VAL A 228 -3.84 8.57 -9.14
N ASP A 229 -4.36 9.77 -9.40
CA ASP A 229 -3.96 10.52 -10.60
C ASP A 229 -2.44 10.65 -10.68
N LYS A 230 -1.84 11.03 -9.57
CA LYS A 230 -0.36 11.16 -9.48
C LYS A 230 0.37 9.89 -9.68
N LEU A 231 -0.14 8.81 -9.13
CA LEU A 231 0.42 7.52 -9.37
C LEU A 231 0.41 7.10 -10.82
N LEU A 232 -0.74 7.27 -11.50
CA LEU A 232 -0.91 6.84 -12.83
C LEU A 232 0.01 7.55 -13.77
N SER A 233 0.20 8.84 -13.53
CA SER A 233 1.15 9.57 -14.35
C SER A 233 1.60 10.72 -13.55
N SER A 234 2.90 10.73 -13.21
CA SER A 234 3.41 11.83 -12.36
C SER A 234 3.28 13.16 -13.11
N ARG A 235 3.34 13.11 -14.46
CA ARG A 235 3.15 14.28 -15.30
C ARG A 235 1.85 14.21 -16.08
N SER A 236 1.20 15.37 -16.22
CA SER A 236 -0.07 15.50 -16.87
C SER A 236 -0.03 15.13 -18.36
N ALA A 237 -0.97 14.27 -18.80
CA ALA A 237 -1.06 14.00 -20.25
C ALA A 237 -1.42 15.21 -21.09
N SER A 238 -2.15 16.17 -20.49
CA SER A 238 -2.47 17.45 -21.15
C SER A 238 -1.36 18.50 -21.10
N ASN A 239 -0.33 18.21 -20.30
CA ASN A 239 0.88 19.09 -20.27
C ASN A 239 1.94 18.31 -19.50
N ARG A 240 2.83 17.65 -20.20
CA ARG A 240 3.77 16.75 -19.58
C ARG A 240 4.86 17.43 -18.75
N LEU A 241 4.92 18.76 -18.79
CA LEU A 241 5.87 19.57 -17.93
C LEU A 241 5.28 19.83 -16.54
N LYS A 242 3.97 19.59 -16.42
CA LYS A 242 3.18 19.92 -15.24
C LYS A 242 2.90 18.65 -14.46
N ALA A 243 3.16 18.72 -13.13
CA ALA A 243 2.95 17.64 -12.22
C ALA A 243 1.49 17.31 -12.17
N SER A 244 1.19 16.04 -12.30
CA SER A 244 -0.12 15.61 -11.88
C SER A 244 -0.13 15.92 -10.37
N GLY B 1 9.52 16.57 6.77
CA GLY B 1 8.34 15.68 6.96
C GLY B 1 8.89 14.47 7.68
N PRO B 2 8.05 13.57 8.19
CA PRO B 2 8.62 12.45 8.95
C PRO B 2 9.33 11.46 8.10
N MET B 3 10.47 10.94 8.60
CA MET B 3 11.28 10.01 7.80
C MET B 3 10.95 8.56 8.08
N THR B 4 10.08 8.29 9.05
CA THR B 4 9.58 6.96 9.36
C THR B 4 8.09 6.97 9.63
N SER B 5 7.51 5.78 9.64
CA SER B 5 6.18 5.56 10.17
C SER B 5 6.15 5.81 11.67
N TPO B 6 4.97 5.77 12.25
CA TPO B 6 4.78 6.10 13.68
CB TPO B 6 3.32 5.80 14.06
CG2 TPO B 6 3.03 6.12 15.51
OG1 TPO B 6 2.54 6.66 13.20
P TPO B 6 1.59 6.13 12.03
O1P TPO B 6 0.57 5.22 12.65
O2P TPO B 6 1.01 7.41 11.39
O3P TPO B 6 2.42 5.38 11.00
C TPO B 6 5.67 5.28 14.60
O TPO B 6 5.72 4.04 14.51
N PRO B 7 6.41 5.94 15.46
CA PRO B 7 7.28 5.22 16.39
C PRO B 7 6.57 4.62 17.56
N LYS B 8 7.22 3.67 18.19
CA LYS B 8 6.65 3.04 19.38
C LYS B 8 6.45 4.08 20.47
P PO4 C . 0.05 18.15 0.11
O1 PO4 C . -0.64 17.32 -0.91
O2 PO4 C . -0.51 19.52 -0.06
O3 PO4 C . -0.11 17.68 1.50
O4 PO4 C . 1.54 18.28 -0.23
P PO4 D . -19.10 -2.89 -7.99
O1 PO4 D . -19.25 -4.11 -8.84
O2 PO4 D . -19.33 -1.65 -8.80
O3 PO4 D . -20.13 -3.05 -6.92
O4 PO4 D . -17.83 -2.77 -7.30
P PO4 E . -30.41 11.20 -0.83
O1 PO4 E . -31.87 11.48 -1.15
O2 PO4 E . -29.69 11.11 -2.15
O3 PO4 E . -29.83 12.41 -0.18
O4 PO4 E . -30.14 9.94 -0.04
#